data_9FCM
#
_entry.id   9FCM
#
_cell.length_a   90.413
_cell.length_b   98.800
_cell.length_c   150.763
_cell.angle_alpha   90.000
_cell.angle_beta   90.000
_cell.angle_gamma   90.000
#
_symmetry.space_group_name_H-M   'I 2 2 2'
#
loop_
_entity.id
_entity.type
_entity.pdbx_description
1 polymer 'Single-domain antibody R3DC23'
2 polymer "Spike protein S2'"
3 non-polymer 'CHLORIDE ION'
4 water water
#
loop_
_entity_poly.entity_id
_entity_poly.type
_entity_poly.pdbx_seq_one_letter_code
_entity_poly.pdbx_strand_id
1 'polypeptide(L)'
;QVQLQESGGGLVQAGDSLTLSCAVSGRIFSTYTMGWFRQAPGKEREFVAAVRWGAGTIYYADSMKGRFTISRDSAKNTVD
LQMNSTKPEDTAVYYCGAAYVSKANYGSLWYQDSRRYDYWGQGTQVTVSSAAAYPYDVPDYGSHHHHHH
;
A,B,C
2 'polypeptide(L)' GPHTSPDVDLGDISGINASVVNIQKEIDRLNEVAKNLNESLIDLQELGKYEQYIK D,E,F
#
# COMPACT_ATOMS: atom_id res chain seq x y z
N GLN A 1 14.32 -11.62 -4.45
CA GLN A 1 14.64 -10.99 -5.72
C GLN A 1 16.11 -10.54 -5.81
N VAL A 2 16.82 -10.37 -4.69
CA VAL A 2 18.27 -10.21 -4.73
C VAL A 2 18.90 -11.30 -3.86
N GLN A 3 20.15 -11.65 -4.20
CA GLN A 3 20.98 -12.55 -3.40
C GLN A 3 22.20 -11.77 -2.94
N LEU A 4 22.63 -12.01 -1.70
CA LEU A 4 23.71 -11.23 -1.10
C LEU A 4 24.87 -12.14 -0.70
N GLN A 5 26.10 -11.71 -0.99
CA GLN A 5 27.30 -12.49 -0.70
C GLN A 5 28.34 -11.59 -0.05
N GLU A 6 28.61 -11.81 1.23
CA GLU A 6 29.59 -11.05 1.99
C GLU A 6 31.01 -11.59 1.73
N SER A 7 31.99 -10.72 1.93
CA SER A 7 33.40 -11.09 1.78
C SER A 7 34.26 -10.10 2.52
N GLY A 8 35.52 -10.49 2.73
CA GLY A 8 36.51 -9.62 3.34
C GLY A 8 36.76 -9.84 4.81
N GLY A 9 36.19 -10.88 5.41
CA GLY A 9 36.37 -11.14 6.83
C GLY A 9 37.68 -11.85 7.12
N GLY A 10 37.74 -12.44 8.32
CA GLY A 10 38.90 -13.21 8.76
C GLY A 10 39.53 -12.68 10.04
N LEU A 11 40.79 -13.06 10.30
CA LEU A 11 41.47 -12.69 11.52
C LEU A 11 42.20 -11.35 11.37
N VAL A 12 42.18 -10.54 12.42
CA VAL A 12 42.85 -9.25 12.39
C VAL A 12 43.26 -8.88 13.81
N GLN A 13 44.45 -8.29 13.94
CA GLN A 13 44.92 -7.80 15.23
C GLN A 13 44.28 -6.44 15.52
N ALA A 14 43.98 -6.21 16.80
CA ALA A 14 43.29 -4.98 17.19
C ALA A 14 44.05 -3.74 16.74
N GLY A 15 43.30 -2.69 16.39
CA GLY A 15 43.85 -1.47 15.85
C GLY A 15 43.99 -1.45 14.35
N ASP A 16 44.10 -2.61 13.71
CA ASP A 16 44.14 -2.70 12.26
C ASP A 16 42.77 -2.35 11.67
N SER A 17 42.77 -1.95 10.41
CA SER A 17 41.53 -1.68 9.68
C SER A 17 41.20 -2.84 8.73
N LEU A 18 39.92 -2.98 8.43
CA LEU A 18 39.40 -4.05 7.57
C LEU A 18 38.20 -3.53 6.79
N THR A 19 38.06 -4.00 5.55
CA THR A 19 36.95 -3.60 4.68
C THR A 19 36.14 -4.84 4.30
N LEU A 20 34.86 -4.85 4.67
CA LEU A 20 33.93 -5.88 4.23
C LEU A 20 33.23 -5.45 2.96
N SER A 21 32.77 -6.44 2.20
CA SER A 21 32.06 -6.17 0.95
C SER A 21 30.91 -7.15 0.81
N CYS A 22 29.83 -6.67 0.21
CA CYS A 22 28.61 -7.44 -0.03
C CYS A 22 28.27 -7.34 -1.50
N ALA A 23 28.33 -8.46 -2.21
CA ALA A 23 28.02 -8.49 -3.64
C ALA A 23 26.54 -8.76 -3.84
N VAL A 24 25.84 -7.81 -4.46
CA VAL A 24 24.40 -7.91 -4.66
C VAL A 24 24.15 -8.49 -6.04
N SER A 25 23.36 -9.57 -6.10
CA SER A 25 23.00 -10.21 -7.34
C SER A 25 21.49 -10.18 -7.48
N GLY A 26 21.02 -10.08 -8.72
CA GLY A 26 19.61 -9.97 -8.97
C GLY A 26 19.20 -8.54 -9.29
N ARG A 27 17.91 -8.28 -9.13
CA ARG A 27 17.29 -7.02 -9.56
C ARG A 27 17.18 -6.04 -8.39
N ILE A 28 18.10 -5.05 -8.34
CA ILE A 28 18.07 -4.00 -7.32
C ILE A 28 17.27 -2.81 -7.81
N PHE A 29 16.47 -2.22 -6.92
CA PHE A 29 15.73 -1.01 -7.27
C PHE A 29 16.09 0.13 -6.31
N SER A 30 15.74 1.34 -6.74
CA SER A 30 16.07 2.53 -5.96
C SER A 30 15.44 2.51 -4.57
N THR A 31 14.32 1.80 -4.39
CA THR A 31 13.62 1.75 -3.12
C THR A 31 14.35 0.92 -2.07
N TYR A 32 15.44 0.26 -2.45
CA TYR A 32 16.17 -0.65 -1.57
C TYR A 32 16.92 0.08 -0.47
N THR A 33 16.99 -0.58 0.69
CA THR A 33 17.90 -0.18 1.74
C THR A 33 18.81 -1.35 2.05
N MET A 34 20.13 -1.10 2.02
CA MET A 34 21.15 -2.10 2.36
C MET A 34 21.66 -1.81 3.76
N GLY A 35 21.71 -2.83 4.61
CA GLY A 35 22.19 -2.69 5.97
C GLY A 35 23.26 -3.71 6.32
N TRP A 36 24.20 -3.27 7.15
CA TRP A 36 25.20 -4.14 7.75
C TRP A 36 24.84 -4.39 9.20
N PHE A 37 24.81 -5.66 9.59
CA PHE A 37 24.52 -6.10 10.95
C PHE A 37 25.65 -7.00 11.41
N ARG A 38 25.73 -7.23 12.73
CA ARG A 38 26.72 -8.17 13.25
C ARG A 38 26.14 -8.98 14.41
N GLN A 39 26.53 -10.25 14.47
CA GLN A 39 26.03 -11.19 15.46
C GLN A 39 27.21 -11.92 16.10
N ALA A 40 27.48 -11.60 17.36
CA ALA A 40 28.50 -12.32 18.09
C ALA A 40 27.87 -13.59 18.66
N PRO A 41 28.67 -14.61 18.99
CA PRO A 41 28.07 -15.88 19.44
C PRO A 41 27.20 -15.71 20.67
N GLY A 42 25.97 -16.20 20.57
CA GLY A 42 25.01 -16.17 21.65
C GLY A 42 24.30 -14.84 21.86
N LYS A 43 24.56 -13.83 21.03
CA LYS A 43 23.87 -12.56 21.17
C LYS A 43 23.07 -12.27 19.90
N GLU A 44 22.29 -11.20 19.95
CA GLU A 44 21.40 -10.93 18.84
C GLU A 44 22.01 -9.97 17.83
N ARG A 45 21.50 -10.06 16.61
CA ARG A 45 21.94 -9.26 15.47
C ARG A 45 21.83 -7.77 15.78
N GLU A 46 22.95 -7.06 15.70
CA GLU A 46 23.04 -5.64 16.07
C GLU A 46 23.23 -4.81 14.81
N PHE A 47 22.46 -3.74 14.69
CA PHE A 47 22.61 -2.81 13.55
C PHE A 47 23.96 -2.10 13.61
N VAL A 48 24.60 -1.98 12.43
CA VAL A 48 25.84 -1.23 12.28
C VAL A 48 25.63 0.01 11.42
N ALA A 49 25.10 -0.17 10.20
CA ALA A 49 24.91 0.95 9.28
C ALA A 49 24.01 0.52 8.12
N ALA A 50 23.40 1.51 7.47
CA ALA A 50 22.51 1.27 6.34
C ALA A 50 22.66 2.40 5.34
N VAL A 51 22.31 2.11 4.08
CA VAL A 51 22.32 3.11 3.02
C VAL A 51 21.12 2.90 2.09
N ARG A 52 20.44 4.00 1.74
CA ARG A 52 19.33 3.95 0.79
C ARG A 52 19.89 3.86 -0.63
N TRP A 53 19.48 2.83 -1.37
CA TRP A 53 20.17 2.52 -2.62
C TRP A 53 20.03 3.65 -3.64
N GLY A 54 18.83 4.18 -3.80
CA GLY A 54 18.64 5.23 -4.78
C GLY A 54 19.32 6.53 -4.42
N ALA A 55 18.83 7.19 -3.36
CA ALA A 55 19.33 8.52 -3.00
C ALA A 55 20.70 8.47 -2.36
N GLY A 56 21.12 7.33 -1.82
CA GLY A 56 22.41 7.24 -1.17
C GLY A 56 22.45 7.72 0.27
N THR A 57 21.31 8.03 0.87
CA THR A 57 21.27 8.44 2.27
C THR A 57 21.91 7.39 3.17
N ILE A 58 22.70 7.83 4.14
CA ILE A 58 23.45 6.92 5.00
C ILE A 58 22.99 7.08 6.44
N TYR A 59 22.92 5.94 7.15
CA TYR A 59 22.54 5.89 8.56
C TYR A 59 23.54 5.02 9.32
N TYR A 60 23.95 5.50 10.50
CA TYR A 60 24.85 4.76 11.38
C TYR A 60 24.18 4.51 12.73
N ALA A 61 24.60 3.44 13.40
CA ALA A 61 24.14 3.20 14.76
C ALA A 61 24.63 4.34 15.65
N ASP A 62 23.75 4.85 16.50
CA ASP A 62 24.11 5.99 17.34
C ASP A 62 24.83 5.53 18.60
N ARG A 67 33.35 4.69 13.91
CA ARG A 67 34.53 3.89 13.58
C ARG A 67 34.33 3.11 12.29
N PHE A 68 33.07 3.00 11.87
CA PHE A 68 32.66 2.22 10.71
C PHE A 68 32.23 3.14 9.59
N THR A 69 32.57 2.76 8.36
CA THR A 69 32.20 3.53 7.18
C THR A 69 31.49 2.61 6.19
N ILE A 70 30.24 2.95 5.87
CA ILE A 70 29.47 2.23 4.86
C ILE A 70 29.42 3.06 3.59
N SER A 71 29.43 2.38 2.45
CA SER A 71 29.27 3.02 1.16
C SER A 71 28.74 1.98 0.18
N ARG A 72 28.16 2.45 -0.92
CA ARG A 72 27.70 1.52 -1.96
C ARG A 72 28.18 1.97 -3.34
N ASP A 73 28.56 0.98 -4.15
CA ASP A 73 29.03 1.15 -5.52
C ASP A 73 27.88 0.70 -6.44
N SER A 74 27.12 1.65 -6.96
CA SER A 74 25.99 1.26 -7.78
C SER A 74 26.41 0.85 -9.18
N ALA A 75 27.67 1.11 -9.56
CA ALA A 75 28.18 0.58 -10.81
C ALA A 75 28.43 -0.92 -10.70
N LYS A 76 29.22 -1.34 -9.71
CA LYS A 76 29.48 -2.76 -9.47
C LYS A 76 28.39 -3.45 -8.65
N ASN A 77 27.42 -2.70 -8.11
CA ASN A 77 26.35 -3.27 -7.28
C ASN A 77 26.91 -3.94 -6.02
N THR A 78 27.63 -3.16 -5.21
CA THR A 78 28.11 -3.66 -3.94
C THR A 78 27.84 -2.62 -2.86
N VAL A 79 27.79 -3.10 -1.62
CA VAL A 79 27.75 -2.25 -0.45
C VAL A 79 28.94 -2.63 0.44
N ASP A 80 29.73 -1.64 0.83
CA ASP A 80 30.99 -1.89 1.51
C ASP A 80 30.97 -1.29 2.90
N LEU A 81 31.59 -1.99 3.84
CA LEU A 81 31.72 -1.54 5.22
C LEU A 81 33.19 -1.52 5.58
N GLN A 82 33.75 -0.32 5.78
CA GLN A 82 35.14 -0.20 6.21
C GLN A 82 35.19 -0.12 7.73
N MET A 83 35.92 -1.06 8.35
CA MET A 83 36.08 -1.12 9.79
C MET A 83 37.45 -0.52 10.13
N ASN A 84 37.45 0.64 10.78
CA ASN A 84 38.70 1.24 11.23
C ASN A 84 38.91 0.99 12.72
N SER A 85 40.18 0.95 13.13
CA SER A 85 40.57 0.73 14.52
C SER A 85 39.79 -0.43 15.16
N THR A 86 40.13 -1.64 14.72
CA THR A 86 39.47 -2.83 15.22
C THR A 86 39.65 -2.95 16.73
N LYS A 87 38.60 -3.39 17.41
CA LYS A 87 38.59 -3.63 18.85
C LYS A 87 38.12 -5.06 19.09
N PRO A 88 38.45 -5.63 20.26
CA PRO A 88 38.01 -7.02 20.53
C PRO A 88 36.50 -7.22 20.55
N GLU A 89 35.73 -6.20 20.95
CA GLU A 89 34.27 -6.30 20.92
C GLU A 89 33.71 -6.39 19.50
N ASP A 90 34.54 -6.21 18.47
CA ASP A 90 34.04 -6.28 17.10
C ASP A 90 34.01 -7.71 16.56
N THR A 91 34.50 -8.68 17.32
CA THR A 91 34.45 -10.08 16.91
C THR A 91 33.00 -10.54 16.76
N ALA A 92 32.63 -10.92 15.54
CA ALA A 92 31.27 -11.35 15.24
C ALA A 92 31.23 -11.83 13.79
N VAL A 93 30.12 -12.46 13.44
CA VAL A 93 29.76 -12.70 12.05
C VAL A 93 29.01 -11.47 11.57
N TYR A 94 29.46 -10.89 10.46
CA TYR A 94 28.84 -9.69 9.91
C TYR A 94 27.94 -10.06 8.73
N TYR A 95 26.75 -9.48 8.71
CA TYR A 95 25.71 -9.84 7.77
C TYR A 95 25.25 -8.63 6.96
N CYS A 96 25.11 -8.86 5.66
CA CYS A 96 24.53 -7.91 4.73
C CYS A 96 23.05 -8.26 4.52
N GLY A 97 22.17 -7.26 4.65
CA GLY A 97 20.75 -7.47 4.44
C GLY A 97 20.15 -6.41 3.56
N ALA A 98 19.02 -6.74 2.95
CA ALA A 98 18.33 -5.83 2.04
C ALA A 98 16.85 -5.75 2.36
N ALA A 99 16.32 -4.54 2.45
CA ALA A 99 14.88 -4.30 2.56
C ALA A 99 14.43 -3.69 1.24
N TYR A 100 13.45 -4.32 0.58
CA TYR A 100 13.24 -3.98 -0.83
C TYR A 100 12.43 -2.70 -1.03
N VAL A 101 11.72 -2.26 0.01
CA VAL A 101 11.03 -0.96 0.06
C VAL A 101 11.17 -0.41 1.48
N SER A 102 10.87 0.87 1.63
CA SER A 102 10.92 1.46 2.98
C SER A 102 9.89 0.83 3.91
N LYS A 103 10.33 0.46 5.12
CA LYS A 103 9.44 -0.02 6.16
C LYS A 103 9.16 1.06 7.20
N ALA A 104 9.17 2.33 6.78
CA ALA A 104 8.96 3.43 7.70
C ALA A 104 7.60 3.36 8.39
N ASN A 105 6.64 2.63 7.82
CA ASN A 105 5.37 2.42 8.48
C ASN A 105 5.54 1.72 9.83
N TYR A 106 6.68 1.09 10.09
CA TYR A 106 6.99 0.52 11.39
C TYR A 106 7.65 1.51 12.36
N GLY A 107 7.98 2.71 11.90
CA GLY A 107 8.63 3.70 12.74
C GLY A 107 9.77 4.33 11.98
N SER A 108 10.10 5.56 12.36
CA SER A 108 11.14 6.27 11.62
C SER A 108 12.51 5.62 11.74
N LEU A 109 12.77 4.85 12.79
CA LEU A 109 14.04 4.15 12.92
C LEU A 109 13.97 2.70 12.45
N TRP A 110 13.04 2.38 11.55
CA TRP A 110 12.81 0.99 11.14
C TRP A 110 14.08 0.33 10.62
N TYR A 111 14.96 1.09 9.96
CA TYR A 111 16.12 0.47 9.33
C TYR A 111 17.13 -0.05 10.34
N GLN A 112 16.97 0.24 11.65
CA GLN A 112 17.83 -0.34 12.67
C GLN A 112 17.36 -1.73 13.12
N ASP A 113 16.19 -2.18 12.68
CA ASP A 113 15.59 -3.42 13.13
C ASP A 113 15.77 -4.50 12.06
N SER A 114 16.56 -5.53 12.36
CA SER A 114 16.88 -6.55 11.37
C SER A 114 15.66 -7.32 10.90
N ARG A 115 14.57 -7.34 11.68
CA ARG A 115 13.35 -8.01 11.24
C ARG A 115 12.71 -7.32 10.03
N ARG A 116 13.07 -6.07 9.77
CA ARG A 116 12.49 -5.32 8.66
C ARG A 116 13.20 -5.59 7.34
N TYR A 117 14.28 -6.37 7.35
CA TYR A 117 14.99 -6.67 6.13
C TYR A 117 14.46 -7.98 5.54
N ASP A 118 14.57 -8.10 4.22
CA ASP A 118 13.91 -9.18 3.49
C ASP A 118 14.85 -10.23 2.94
N TYR A 119 16.10 -9.88 2.64
CA TYR A 119 17.06 -10.82 2.07
C TYR A 119 18.36 -10.68 2.85
N TRP A 120 19.06 -11.81 3.01
CA TRP A 120 20.26 -11.86 3.84
C TRP A 120 21.34 -12.69 3.15
N GLY A 121 22.58 -12.23 3.28
CA GLY A 121 23.72 -13.07 2.94
C GLY A 121 24.02 -14.06 4.05
N GLN A 122 25.01 -14.92 3.80
CA GLN A 122 25.37 -15.95 4.75
C GLN A 122 26.31 -15.43 5.83
N GLY A 123 26.90 -14.26 5.65
CA GLY A 123 27.76 -13.73 6.69
C GLY A 123 29.24 -13.98 6.43
N THR A 124 30.07 -13.06 6.91
CA THR A 124 31.52 -13.24 6.89
C THR A 124 32.04 -12.89 8.28
N GLN A 125 32.84 -13.79 8.85
CA GLN A 125 33.35 -13.63 10.21
C GLN A 125 34.50 -12.64 10.27
N VAL A 126 34.46 -11.76 11.28
CA VAL A 126 35.60 -10.92 11.60
C VAL A 126 36.11 -11.20 13.01
N GLN B 1 2.90 -1.80 -18.19
CA GLN B 1 2.97 -0.41 -18.66
C GLN B 1 2.02 -0.17 -19.83
N VAL B 2 1.90 1.09 -20.25
CA VAL B 2 1.20 1.44 -21.49
C VAL B 2 2.11 2.30 -22.36
N GLN B 3 1.83 2.31 -23.68
CA GLN B 3 2.51 3.19 -24.61
C GLN B 3 1.48 4.18 -25.16
N LEU B 4 1.90 5.42 -25.35
CA LEU B 4 0.99 6.46 -25.80
C LEU B 4 1.51 7.02 -27.12
N GLN B 5 0.63 7.16 -28.10
CA GLN B 5 0.98 7.63 -29.44
C GLN B 5 0.05 8.79 -29.72
N GLU B 6 0.59 10.01 -29.72
CA GLU B 6 -0.24 11.17 -30.04
C GLU B 6 -0.31 11.40 -31.55
N SER B 7 -1.41 12.03 -31.96
CA SER B 7 -1.63 12.41 -33.35
C SER B 7 -2.73 13.47 -33.34
N GLY B 8 -2.88 14.15 -34.47
CA GLY B 8 -3.96 15.10 -34.66
C GLY B 8 -3.63 16.56 -34.44
N GLY B 9 -2.36 16.90 -34.25
CA GLY B 9 -1.94 18.27 -34.01
C GLY B 9 -1.74 19.07 -35.28
N GLY B 10 -0.94 20.12 -35.15
CA GLY B 10 -0.51 20.85 -36.33
C GLY B 10 -1.05 22.26 -36.37
N LEU B 11 -1.13 22.81 -37.57
CA LEU B 11 -1.59 24.17 -37.79
C LEU B 11 -3.11 24.16 -37.90
N VAL B 12 -3.74 25.19 -37.33
CA VAL B 12 -5.19 25.38 -37.33
C VAL B 12 -5.47 26.87 -37.31
N GLN B 13 -6.46 27.29 -38.09
CA GLN B 13 -6.89 28.68 -38.06
C GLN B 13 -7.74 28.94 -36.84
N ALA B 14 -7.55 30.11 -36.22
CA ALA B 14 -8.31 30.46 -35.03
C ALA B 14 -9.80 30.41 -35.34
N GLY B 15 -10.57 29.97 -34.37
CA GLY B 15 -11.99 29.72 -34.52
C GLY B 15 -12.33 28.32 -34.97
N ASP B 16 -11.46 27.69 -35.76
CA ASP B 16 -11.64 26.29 -36.08
C ASP B 16 -11.38 25.42 -34.85
N SER B 17 -11.91 24.21 -34.91
CA SER B 17 -11.67 23.22 -33.89
C SER B 17 -10.62 22.22 -34.36
N LEU B 18 -9.98 21.56 -33.41
CA LEU B 18 -8.96 20.58 -33.69
C LEU B 18 -9.10 19.48 -32.64
N THR B 19 -8.89 18.24 -33.06
CA THR B 19 -8.99 17.13 -32.13
C THR B 19 -7.65 16.41 -32.06
N LEU B 20 -7.07 16.38 -30.88
CA LEU B 20 -5.88 15.60 -30.59
C LEU B 20 -6.29 14.22 -30.14
N SER B 21 -5.46 13.24 -30.41
CA SER B 21 -5.80 11.88 -30.03
C SER B 21 -4.56 11.18 -29.52
N CYS B 22 -4.78 10.32 -28.53
CA CYS B 22 -3.72 9.55 -27.93
C CYS B 22 -4.12 8.08 -27.97
N ALA B 23 -3.40 7.27 -28.74
CA ALA B 23 -3.69 5.85 -28.86
C ALA B 23 -2.92 5.08 -27.79
N VAL B 24 -3.64 4.41 -26.90
CA VAL B 24 -3.05 3.74 -25.74
C VAL B 24 -2.88 2.24 -26.04
N SER B 25 -1.66 1.73 -25.88
CA SER B 25 -1.36 0.31 -26.08
C SER B 25 -0.65 -0.27 -24.86
N GLY B 26 -0.73 -1.59 -24.70
CA GLY B 26 -0.12 -2.25 -23.55
C GLY B 26 -1.15 -2.71 -22.54
N ARG B 27 -0.79 -2.84 -21.27
CA ARG B 27 -1.72 -3.36 -20.27
C ARG B 27 -2.42 -2.19 -19.61
N ILE B 28 -3.61 -1.86 -20.10
CA ILE B 28 -4.40 -0.78 -19.50
C ILE B 28 -5.27 -1.39 -18.42
N PHE B 29 -5.25 -0.79 -17.24
CA PHE B 29 -6.11 -1.25 -16.18
C PHE B 29 -7.07 -0.14 -15.82
N SER B 30 -8.14 -0.52 -15.14
CA SER B 30 -9.17 0.42 -14.75
C SER B 30 -8.63 1.51 -13.84
N THR B 31 -7.53 1.25 -13.14
CA THR B 31 -6.93 2.21 -12.21
C THR B 31 -6.20 3.35 -12.91
N TYR B 32 -6.02 3.29 -14.23
CA TYR B 32 -5.25 4.32 -14.90
C TYR B 32 -5.99 5.64 -14.92
N THR B 33 -5.22 6.74 -14.88
CA THR B 33 -5.72 8.07 -15.19
C THR B 33 -4.90 8.64 -16.35
N MET B 34 -5.59 9.12 -17.38
CA MET B 34 -4.96 9.75 -18.54
C MET B 34 -5.15 11.26 -18.48
N GLY B 35 -4.08 12.01 -18.70
CA GLY B 35 -4.13 13.46 -18.66
C GLY B 35 -3.55 14.10 -19.89
N TRP B 36 -4.11 15.26 -20.24
CA TRP B 36 -3.57 16.12 -21.28
C TRP B 36 -2.91 17.34 -20.62
N PHE B 37 -1.66 17.60 -21.02
CA PHE B 37 -0.89 18.73 -20.55
C PHE B 37 -0.40 19.51 -21.76
N ARG B 38 -0.01 20.77 -21.54
CA ARG B 38 0.54 21.57 -22.63
C ARG B 38 1.64 22.50 -22.13
N GLN B 39 2.59 22.78 -23.03
CA GLN B 39 3.77 23.60 -22.79
C GLN B 39 3.92 24.63 -23.91
N ALA B 40 3.63 25.91 -23.61
CA ALA B 40 3.83 27.03 -24.51
C ALA B 40 5.18 27.70 -24.23
N PRO B 41 5.74 28.41 -25.20
CA PRO B 41 7.03 29.08 -24.96
C PRO B 41 6.87 30.13 -23.88
N GLY B 42 7.76 30.10 -22.89
CA GLY B 42 7.67 31.11 -21.84
C GLY B 42 6.70 30.82 -20.70
N LYS B 43 6.09 29.63 -20.66
CA LYS B 43 5.29 29.16 -19.54
C LYS B 43 5.82 27.80 -19.10
N GLU B 44 5.26 27.26 -18.02
CA GLU B 44 5.54 25.90 -17.57
C GLU B 44 4.40 24.95 -17.97
N ARG B 45 4.68 23.64 -17.91
CA ARG B 45 3.70 22.61 -18.25
C ARG B 45 2.40 22.82 -17.48
N GLU B 46 1.31 22.98 -18.23
CA GLU B 46 0.00 23.29 -17.70
C GLU B 46 -0.93 22.09 -17.83
N PHE B 47 -1.61 21.76 -16.76
CA PHE B 47 -2.67 20.77 -16.81
C PHE B 47 -3.86 21.27 -17.62
N VAL B 48 -4.41 20.41 -18.47
CA VAL B 48 -5.59 20.72 -19.28
C VAL B 48 -6.81 19.92 -18.82
N ALA B 49 -6.69 18.59 -18.81
CA ALA B 49 -7.82 17.72 -18.48
C ALA B 49 -7.30 16.31 -18.24
N ALA B 50 -8.12 15.52 -17.54
CA ALA B 50 -7.78 14.14 -17.18
C ALA B 50 -9.04 13.29 -17.14
N VAL B 51 -8.87 11.98 -17.33
CA VAL B 51 -10.01 11.06 -17.28
C VAL B 51 -9.56 9.74 -16.63
N ARG B 52 -10.37 9.25 -15.70
CA ARG B 52 -10.12 7.95 -15.07
C ARG B 52 -10.53 6.83 -16.02
N TRP B 53 -9.61 5.89 -16.27
CA TRP B 53 -9.85 4.94 -17.36
C TRP B 53 -11.06 4.06 -17.10
N GLY B 54 -11.14 3.48 -15.91
CA GLY B 54 -12.26 2.60 -15.61
C GLY B 54 -13.58 3.34 -15.50
N ALA B 55 -13.72 4.17 -14.46
CA ALA B 55 -15.00 4.80 -14.19
C ALA B 55 -15.33 5.93 -15.16
N GLY B 56 -14.34 6.51 -15.83
CA GLY B 56 -14.62 7.58 -16.77
C GLY B 56 -14.80 8.94 -16.18
N THR B 57 -14.52 9.10 -14.89
CA THR B 57 -14.56 10.41 -14.25
C THR B 57 -13.64 11.38 -14.96
N ILE B 58 -14.14 12.60 -15.17
CA ILE B 58 -13.44 13.61 -15.93
C ILE B 58 -13.13 14.80 -15.03
N TYR B 59 -11.93 15.37 -15.20
CA TYR B 59 -11.49 16.55 -14.45
C TYR B 59 -10.99 17.60 -15.42
N TYR B 60 -11.40 18.85 -15.20
CA TYR B 60 -10.98 19.97 -16.01
C TYR B 60 -10.24 21.03 -15.20
N ALA B 61 -9.41 21.79 -15.90
CA ALA B 61 -8.73 22.96 -15.36
C ALA B 61 -9.74 24.01 -14.90
N GLY B 66 -14.45 25.64 -20.63
CA GLY B 66 -15.21 24.62 -21.31
C GLY B 66 -15.07 24.62 -22.82
N ARG B 67 -13.97 25.19 -23.33
CA ARG B 67 -13.69 25.09 -24.75
C ARG B 67 -13.02 23.77 -25.12
N PHE B 68 -12.52 23.03 -24.14
CA PHE B 68 -11.83 21.78 -24.39
C PHE B 68 -12.66 20.64 -23.84
N THR B 69 -12.71 19.53 -24.57
CA THR B 69 -13.46 18.36 -24.16
C THR B 69 -12.54 17.17 -24.20
N ILE B 70 -12.38 16.49 -23.07
CA ILE B 70 -11.63 15.25 -23.01
C ILE B 70 -12.61 14.10 -22.98
N SER B 71 -12.23 13.00 -23.61
CA SER B 71 -13.03 11.78 -23.63
C SER B 71 -12.09 10.61 -23.87
N ARG B 72 -12.52 9.41 -23.45
CA ARG B 72 -11.75 8.21 -23.72
C ARG B 72 -12.68 7.15 -24.28
N ASP B 73 -12.19 6.42 -25.28
CA ASP B 73 -12.93 5.36 -25.96
C ASP B 73 -12.27 4.05 -25.55
N SER B 74 -12.93 3.29 -24.67
CA SER B 74 -12.33 2.04 -24.21
C SER B 74 -12.43 0.93 -25.24
N ALA B 75 -13.24 1.11 -26.29
CA ALA B 75 -13.22 0.18 -27.41
C ALA B 75 -11.98 0.38 -28.26
N LYS B 76 -11.77 1.60 -28.76
CA LYS B 76 -10.58 1.87 -29.56
C LYS B 76 -9.32 2.12 -28.73
N ASN B 77 -9.43 2.21 -27.39
CA ASN B 77 -8.26 2.43 -26.54
C ASN B 77 -7.58 3.74 -26.94
N THR B 78 -8.34 4.83 -26.89
CA THR B 78 -7.83 6.17 -27.18
C THR B 78 -8.32 7.15 -26.13
N VAL B 79 -7.56 8.24 -25.98
CA VAL B 79 -7.97 9.42 -25.21
C VAL B 79 -7.90 10.61 -26.14
N ASP B 80 -8.98 11.37 -26.20
CA ASP B 80 -9.11 12.46 -27.16
C ASP B 80 -9.27 13.77 -26.42
N LEU B 81 -8.69 14.81 -27.01
CA LEU B 81 -8.86 16.16 -26.52
C LEU B 81 -9.41 16.97 -27.69
N GLN B 82 -10.66 17.38 -27.58
CA GLN B 82 -11.31 18.19 -28.60
C GLN B 82 -11.15 19.65 -28.23
N MET B 83 -10.49 20.42 -29.07
CA MET B 83 -10.31 21.85 -28.85
C MET B 83 -11.24 22.61 -29.78
N ASN B 84 -12.30 23.21 -29.23
CA ASN B 84 -13.21 23.98 -30.06
C ASN B 84 -12.90 25.46 -29.97
N SER B 85 -13.21 26.17 -31.06
CA SER B 85 -12.98 27.61 -31.19
C SER B 85 -11.60 27.98 -30.65
N THR B 86 -10.57 27.49 -31.33
CA THR B 86 -9.20 27.73 -30.90
C THR B 86 -8.85 29.21 -30.97
N LYS B 87 -8.03 29.65 -30.04
CA LYS B 87 -7.48 31.00 -30.01
C LYS B 87 -5.95 30.92 -30.02
N PRO B 88 -5.27 32.00 -30.43
CA PRO B 88 -3.80 31.94 -30.52
C PRO B 88 -3.09 31.59 -29.23
N GLU B 89 -3.65 31.95 -28.08
CA GLU B 89 -3.08 31.55 -26.79
C GLU B 89 -3.13 30.05 -26.55
N ASP B 90 -3.78 29.28 -27.42
CA ASP B 90 -3.76 27.83 -27.28
C ASP B 90 -2.54 27.20 -27.95
N THR B 91 -1.72 27.98 -28.64
CA THR B 91 -0.51 27.45 -29.26
C THR B 91 0.42 26.89 -28.20
N ALA B 92 0.79 25.62 -28.34
CA ALA B 92 1.64 24.94 -27.36
C ALA B 92 1.97 23.56 -27.90
N VAL B 93 2.92 22.89 -27.24
CA VAL B 93 3.12 21.46 -27.40
C VAL B 93 2.21 20.75 -26.42
N TYR B 94 1.38 19.83 -26.93
CA TYR B 94 0.44 19.09 -26.11
C TYR B 94 0.93 17.67 -25.85
N TYR B 95 0.81 17.21 -24.60
CA TYR B 95 1.32 15.92 -24.16
C TYR B 95 0.21 15.10 -23.54
N CYS B 96 0.15 13.82 -23.92
CA CYS B 96 -0.69 12.81 -23.32
C CYS B 96 0.12 12.05 -22.27
N GLY B 97 -0.42 11.91 -21.06
CA GLY B 97 0.24 11.17 -20.01
C GLY B 97 -0.67 10.18 -19.32
N ALA B 98 -0.07 9.16 -18.71
CA ALA B 98 -0.84 8.13 -18.02
C ALA B 98 -0.21 7.82 -16.66
N ALA B 99 -1.06 7.79 -15.64
CA ALA B 99 -0.70 7.42 -14.27
C ALA B 99 -1.32 6.07 -13.96
N TYR B 100 -0.51 5.10 -13.51
CA TYR B 100 -1.05 3.74 -13.55
C TYR B 100 -1.97 3.40 -12.38
N VAL B 101 -1.88 4.12 -11.26
CA VAL B 101 -2.82 4.00 -10.16
C VAL B 101 -3.02 5.41 -9.62
N SER B 102 -4.06 5.61 -8.82
CA SER B 102 -4.29 6.93 -8.25
C SER B 102 -3.12 7.35 -7.36
N LYS B 103 -2.61 8.55 -7.58
CA LYS B 103 -1.59 9.14 -6.74
C LYS B 103 -2.19 10.14 -5.75
N ALA B 104 -3.44 9.93 -5.34
CA ALA B 104 -4.09 10.85 -4.44
C ALA B 104 -3.37 10.99 -3.11
N ASN B 105 -2.52 10.01 -2.76
CA ASN B 105 -1.71 10.18 -1.57
C ASN B 105 -0.82 11.41 -1.63
N TYR B 106 -0.64 12.02 -2.81
CA TYR B 106 0.10 13.26 -2.89
C TYR B 106 -0.76 14.50 -2.71
N GLY B 107 -2.06 14.35 -2.61
CA GLY B 107 -2.95 15.50 -2.46
C GLY B 107 -4.11 15.37 -3.40
N SER B 108 -5.20 16.08 -3.15
CA SER B 108 -6.41 15.84 -3.92
C SER B 108 -6.28 16.34 -5.36
N LEU B 109 -5.38 17.27 -5.65
CA LEU B 109 -5.16 17.76 -7.01
C LEU B 109 -3.95 17.10 -7.67
N TRP B 110 -3.62 15.89 -7.23
CA TRP B 110 -2.43 15.20 -7.72
C TRP B 110 -2.45 15.06 -9.24
N TYR B 111 -3.65 14.92 -9.82
CA TYR B 111 -3.74 14.64 -11.25
C TYR B 111 -3.37 15.85 -12.09
N GLN B 112 -3.22 17.03 -11.48
CA GLN B 112 -2.74 18.19 -12.20
C GLN B 112 -1.22 18.29 -12.22
N ASP B 113 -0.54 17.42 -11.50
CA ASP B 113 0.91 17.51 -11.32
C ASP B 113 1.55 16.50 -12.27
N SER B 114 2.23 16.99 -13.30
CA SER B 114 2.78 16.12 -14.32
C SER B 114 3.80 15.13 -13.77
N ARG B 115 4.42 15.43 -12.61
CA ARG B 115 5.32 14.46 -11.98
C ARG B 115 4.60 13.21 -11.52
N ARG B 116 3.27 13.23 -11.37
CA ARG B 116 2.56 12.08 -10.86
C ARG B 116 2.23 11.05 -11.93
N TYR B 117 2.53 11.35 -13.19
CA TYR B 117 2.24 10.47 -14.31
C TYR B 117 3.47 9.64 -14.60
N ASP B 118 3.26 8.44 -15.17
CA ASP B 118 4.31 7.44 -15.34
C ASP B 118 4.73 7.22 -16.80
N TYR B 119 3.84 7.47 -17.75
CA TYR B 119 4.10 7.27 -19.17
C TYR B 119 3.62 8.48 -19.95
N TRP B 120 4.33 8.81 -21.04
CA TRP B 120 4.07 10.01 -21.80
C TRP B 120 4.11 9.70 -23.28
N GLY B 121 3.24 10.36 -24.05
CA GLY B 121 3.40 10.42 -25.48
C GLY B 121 4.47 11.42 -25.84
N GLN B 122 4.74 11.54 -27.14
CA GLN B 122 5.88 12.36 -27.54
C GLN B 122 5.59 13.84 -27.57
N GLY B 123 4.34 14.23 -27.62
CA GLY B 123 4.04 15.64 -27.64
C GLY B 123 3.82 16.06 -29.07
N THR B 124 2.83 16.90 -29.30
CA THR B 124 2.59 17.36 -30.65
C THR B 124 2.30 18.85 -30.60
N GLN B 125 2.93 19.58 -31.50
CA GLN B 125 2.71 21.02 -31.60
C GLN B 125 1.32 21.32 -32.16
N VAL B 126 0.63 22.26 -31.53
CA VAL B 126 -0.59 22.87 -32.05
C VAL B 126 -0.28 24.33 -32.30
N THR B 127 -0.53 24.80 -33.51
CA THR B 127 -0.26 26.19 -33.87
C THR B 127 -1.54 26.85 -34.36
N VAL B 128 -2.06 27.79 -33.57
CA VAL B 128 -3.29 28.52 -33.91
C VAL B 128 -2.85 29.85 -34.51
N SER B 129 -3.28 30.11 -35.75
CA SER B 129 -2.73 31.22 -36.52
C SER B 129 -3.80 32.22 -36.93
N SER B 130 -3.32 33.42 -37.28
CA SER B 130 -4.10 34.53 -37.85
C SER B 130 -5.52 34.66 -37.31
N GLN C 1 -3.79 -15.92 -7.22
CA GLN C 1 -4.86 -16.71 -7.84
C GLN C 1 -5.10 -17.95 -6.98
N VAL C 2 -6.32 -18.10 -6.43
CA VAL C 2 -6.69 -19.29 -5.67
C VAL C 2 -8.04 -19.85 -6.15
N GLN C 3 -8.22 -21.17 -6.01
CA GLN C 3 -9.52 -21.81 -6.24
C GLN C 3 -9.98 -22.49 -4.95
N LEU C 4 -11.28 -22.44 -4.69
CA LEU C 4 -11.86 -22.96 -3.46
C LEU C 4 -12.89 -24.04 -3.74
N GLN C 5 -12.84 -25.13 -2.97
CA GLN C 5 -13.72 -26.28 -3.15
C GLN C 5 -14.30 -26.71 -1.80
N GLU C 6 -15.59 -26.46 -1.60
CA GLU C 6 -16.22 -26.91 -0.37
C GLU C 6 -16.58 -28.39 -0.46
N SER C 7 -16.72 -29.01 0.71
CA SER C 7 -17.17 -30.39 0.84
C SER C 7 -17.69 -30.58 2.25
N GLY C 8 -18.38 -31.69 2.46
CA GLY C 8 -18.78 -32.11 3.79
C GLY C 8 -20.19 -31.74 4.20
N GLY C 9 -20.99 -31.15 3.32
CA GLY C 9 -22.34 -30.74 3.67
C GLY C 9 -23.32 -31.90 3.60
N GLY C 10 -24.60 -31.57 3.57
CA GLY C 10 -25.63 -32.59 3.45
C GLY C 10 -26.57 -32.63 4.64
N LEU C 11 -27.20 -33.77 4.89
CA LEU C 11 -28.15 -33.91 5.99
C LEU C 11 -27.46 -34.19 7.30
N VAL C 12 -27.98 -33.61 8.37
CA VAL C 12 -27.45 -33.82 9.71
C VAL C 12 -28.60 -33.75 10.71
N GLN C 13 -28.59 -34.68 11.68
CA GLN C 13 -29.56 -34.69 12.76
C GLN C 13 -29.26 -33.57 13.75
N ALA C 14 -30.31 -32.88 14.20
CA ALA C 14 -30.11 -31.79 15.15
C ALA C 14 -29.45 -32.30 16.42
N GLY C 15 -28.57 -31.48 16.99
CA GLY C 15 -27.78 -31.86 18.14
C GLY C 15 -26.46 -32.51 17.80
N ASP C 16 -26.38 -33.18 16.64
CA ASP C 16 -25.14 -33.73 16.12
C ASP C 16 -24.23 -32.63 15.57
N SER C 17 -22.96 -32.98 15.42
CA SER C 17 -21.97 -32.10 14.85
C SER C 17 -21.70 -32.43 13.38
N LEU C 18 -21.16 -31.45 12.67
CA LEU C 18 -20.82 -31.55 11.26
C LEU C 18 -19.57 -30.72 11.00
N THR C 19 -18.71 -31.21 10.11
CA THR C 19 -17.49 -30.50 9.74
C THR C 19 -17.49 -30.21 8.25
N LEU C 20 -17.46 -28.92 7.89
CA LEU C 20 -17.28 -28.51 6.52
C LEU C 20 -15.79 -28.30 6.25
N SER C 21 -15.41 -28.46 4.98
CA SER C 21 -14.01 -28.29 4.62
C SER C 21 -13.92 -27.57 3.28
N CYS C 22 -12.88 -26.74 3.15
CA CYS C 22 -12.65 -25.94 1.97
C CYS C 22 -11.22 -26.22 1.50
N ALA C 23 -11.08 -26.84 0.33
CA ALA C 23 -9.76 -27.18 -0.21
C ALA C 23 -9.25 -26.00 -1.04
N VAL C 24 -8.11 -25.44 -0.65
CA VAL C 24 -7.55 -24.25 -1.30
C VAL C 24 -6.48 -24.72 -2.28
N SER C 25 -6.63 -24.32 -3.53
CA SER C 25 -5.71 -24.69 -4.59
C SER C 25 -5.14 -23.43 -5.21
N GLY C 26 -3.90 -23.51 -5.68
CA GLY C 26 -3.21 -22.36 -6.23
C GLY C 26 -2.20 -21.79 -5.25
N ARG C 27 -1.87 -20.51 -5.46
CA ARG C 27 -0.80 -19.82 -4.73
C ARG C 27 -1.35 -19.14 -3.49
N ILE C 28 -1.22 -19.80 -2.34
CA ILE C 28 -1.67 -19.21 -1.08
C ILE C 28 -0.50 -18.47 -0.44
N PHE C 29 -0.76 -17.27 0.08
CA PHE C 29 0.26 -16.52 0.81
C PHE C 29 -0.20 -16.28 2.23
N SER C 30 0.76 -15.94 3.09
CA SER C 30 0.49 -15.72 4.51
C SER C 30 -0.50 -14.58 4.74
N THR C 31 -0.62 -13.67 3.77
CA THR C 31 -1.53 -12.55 3.89
C THR C 31 -2.99 -12.95 3.71
N TYR C 32 -3.26 -14.17 3.28
CA TYR C 32 -4.64 -14.55 2.98
C TYR C 32 -5.48 -14.62 4.23
N THR C 33 -6.77 -14.28 4.08
CA THR C 33 -7.81 -14.51 5.08
C THR C 33 -8.90 -15.36 4.43
N MET C 34 -9.26 -16.46 5.10
CA MET C 34 -10.33 -17.35 4.67
C MET C 34 -11.54 -17.14 5.56
N GLY C 35 -12.70 -16.98 4.97
CA GLY C 35 -13.90 -16.75 5.74
C GLY C 35 -15.02 -17.72 5.34
N TRP C 36 -15.79 -18.11 6.34
CA TRP C 36 -16.97 -18.93 6.10
C TRP C 36 -18.19 -18.05 6.28
N PHE C 37 -19.09 -18.10 5.30
CA PHE C 37 -20.35 -17.39 5.32
C PHE C 37 -21.45 -18.42 5.11
N ARG C 38 -22.68 -18.06 5.48
CA ARG C 38 -23.85 -18.91 5.30
C ARG C 38 -24.99 -18.05 4.77
N GLN C 39 -25.84 -18.69 3.99
CA GLN C 39 -26.97 -18.02 3.35
C GLN C 39 -28.17 -18.91 3.71
N ALA C 40 -28.94 -18.49 4.73
CA ALA C 40 -30.14 -19.19 5.15
C ALA C 40 -31.36 -18.64 4.41
N PRO C 41 -32.44 -19.41 4.35
CA PRO C 41 -33.64 -18.95 3.62
C PRO C 41 -34.20 -17.67 4.19
N GLY C 42 -34.37 -16.68 3.31
CA GLY C 42 -34.95 -15.40 3.65
C GLY C 42 -34.00 -14.42 4.29
N LYS C 43 -32.73 -14.76 4.44
CA LYS C 43 -31.82 -13.81 5.06
C LYS C 43 -30.66 -13.53 4.12
N GLU C 44 -29.85 -12.56 4.50
CA GLU C 44 -28.71 -12.17 3.70
C GLU C 44 -27.52 -13.02 4.10
N ARG C 45 -26.51 -13.04 3.25
CA ARG C 45 -25.28 -13.78 3.52
C ARG C 45 -24.75 -13.36 4.89
N GLU C 46 -24.56 -14.34 5.77
CA GLU C 46 -24.17 -14.07 7.15
C GLU C 46 -22.72 -14.51 7.39
N PHE C 47 -21.93 -13.63 7.98
CA PHE C 47 -20.57 -14.00 8.37
C PHE C 47 -20.63 -15.04 9.49
N VAL C 48 -19.79 -16.05 9.41
CA VAL C 48 -19.71 -17.07 10.45
C VAL C 48 -18.39 -17.00 11.20
N ALA C 49 -17.27 -17.09 10.48
CA ALA C 49 -15.93 -17.07 11.09
C ALA C 49 -14.89 -16.87 10.01
N ALA C 50 -13.70 -16.44 10.43
CA ALA C 50 -12.58 -16.21 9.52
C ALA C 50 -11.27 -16.54 10.23
N VAL C 51 -10.25 -16.88 9.44
CA VAL C 51 -8.94 -17.15 9.99
C VAL C 51 -7.88 -16.56 9.08
N ARG C 52 -6.92 -15.85 9.68
CA ARG C 52 -5.78 -15.31 8.96
C ARG C 52 -4.81 -16.45 8.69
N TRP C 53 -4.43 -16.63 7.43
CA TRP C 53 -3.71 -17.82 7.00
C TRP C 53 -2.34 -17.92 7.66
N GLY C 54 -1.60 -16.83 7.70
CA GLY C 54 -0.27 -16.88 8.27
C GLY C 54 -0.29 -17.08 9.78
N ALA C 55 -0.74 -16.05 10.50
CA ALA C 55 -0.67 -16.03 11.95
C ALA C 55 -1.71 -16.93 12.64
N GLY C 56 -2.77 -17.32 11.94
CA GLY C 56 -3.79 -18.14 12.57
C GLY C 56 -4.79 -17.39 13.41
N THR C 57 -4.76 -16.05 13.40
CA THR C 57 -5.76 -15.25 14.10
C THR C 57 -7.17 -15.64 13.63
N ILE C 58 -8.08 -15.77 14.59
CA ILE C 58 -9.43 -16.26 14.34
C ILE C 58 -10.45 -15.21 14.77
N TYR C 59 -11.51 -15.06 13.99
CA TYR C 59 -12.58 -14.14 14.30
C TYR C 59 -13.89 -14.89 14.18
N TYR C 60 -14.80 -14.66 15.13
CA TYR C 60 -16.14 -15.23 15.11
C TYR C 60 -17.17 -14.12 15.07
N ALA C 61 -18.34 -14.44 14.54
CA ALA C 61 -19.45 -13.50 14.44
C ALA C 61 -19.96 -12.95 15.78
N GLY C 66 -19.55 -19.32 18.95
CA GLY C 66 -19.84 -20.26 20.02
C GLY C 66 -19.88 -21.71 19.56
N ARG C 67 -20.91 -22.04 18.78
CA ARG C 67 -21.16 -23.39 18.34
C ARG C 67 -20.28 -23.80 17.16
N PHE C 68 -19.58 -22.87 16.55
CA PHE C 68 -18.76 -23.11 15.38
C PHE C 68 -17.30 -22.94 15.74
N THR C 69 -16.45 -23.80 15.16
CA THR C 69 -14.99 -23.72 15.33
C THR C 69 -14.34 -23.73 13.95
N ILE C 70 -13.62 -22.67 13.63
CA ILE C 70 -12.85 -22.60 12.38
C ILE C 70 -11.40 -22.90 12.68
N SER C 71 -10.75 -23.58 11.74
CA SER C 71 -9.32 -23.86 11.82
C SER C 71 -8.82 -24.06 10.41
N ARG C 72 -7.51 -23.90 10.24
CA ARG C 72 -6.90 -24.13 8.95
C ARG C 72 -5.67 -25.01 9.14
N ASP C 73 -5.46 -25.90 8.19
CA ASP C 73 -4.30 -26.80 8.11
C ASP C 73 -3.46 -26.30 6.95
N SER C 74 -2.36 -25.62 7.26
CA SER C 74 -1.52 -25.04 6.22
C SER C 74 -0.64 -26.08 5.51
N ALA C 75 -0.54 -27.28 6.06
CA ALA C 75 0.12 -28.37 5.36
C ALA C 75 -0.74 -28.91 4.23
N LYS C 76 -1.98 -29.27 4.55
CA LYS C 76 -2.95 -29.81 3.62
C LYS C 76 -3.68 -28.74 2.80
N ASN C 77 -3.50 -27.46 3.14
CA ASN C 77 -4.14 -26.36 2.45
C ASN C 77 -5.67 -26.48 2.49
N THR C 78 -6.19 -26.57 3.72
CA THR C 78 -7.64 -26.60 3.94
C THR C 78 -8.01 -25.63 5.04
N VAL C 79 -9.28 -25.23 4.99
CA VAL C 79 -9.94 -24.50 6.08
C VAL C 79 -11.19 -25.28 6.45
N ASP C 80 -11.38 -25.51 7.73
CA ASP C 80 -12.46 -26.34 8.23
C ASP C 80 -13.39 -25.54 9.12
N LEU C 81 -14.67 -25.85 9.04
CA LEU C 81 -15.68 -25.25 9.90
C LEU C 81 -16.39 -26.40 10.59
N GLN C 82 -16.17 -26.52 11.90
CA GLN C 82 -16.82 -27.56 12.68
C GLN C 82 -18.09 -26.96 13.26
N MET C 83 -19.23 -27.58 12.95
CA MET C 83 -20.51 -27.15 13.53
C MET C 83 -20.87 -28.13 14.61
N ASN C 84 -20.91 -27.64 15.85
CA ASN C 84 -21.30 -28.44 17.00
C ASN C 84 -22.75 -28.16 17.37
N SER C 85 -23.42 -29.18 17.92
CA SER C 85 -24.80 -29.09 18.35
C SER C 85 -25.67 -28.36 17.32
N THR C 86 -25.82 -28.94 16.13
CA THR C 86 -26.56 -28.27 15.07
C THR C 86 -27.99 -28.03 15.49
N LYS C 87 -28.52 -26.89 15.05
CA LYS C 87 -29.87 -26.41 15.30
C LYS C 87 -30.56 -26.18 13.97
N PRO C 88 -31.88 -26.17 13.95
CA PRO C 88 -32.57 -25.89 12.68
C PRO C 88 -32.20 -24.55 12.07
N GLU C 89 -31.81 -23.57 12.89
CA GLU C 89 -31.35 -22.30 12.33
C GLU C 89 -30.09 -22.47 11.48
N ASP C 90 -29.41 -23.61 11.56
CA ASP C 90 -28.16 -23.83 10.84
C ASP C 90 -28.35 -24.33 9.41
N THR C 91 -29.58 -24.66 9.02
CA THR C 91 -29.83 -25.01 7.62
C THR C 91 -29.55 -23.81 6.72
N ALA C 92 -28.59 -23.97 5.79
CA ALA C 92 -28.17 -22.87 4.92
C ALA C 92 -27.21 -23.42 3.88
N VAL C 93 -26.92 -22.59 2.86
CA VAL C 93 -25.81 -22.83 1.95
C VAL C 93 -24.58 -22.16 2.54
N TYR C 94 -23.51 -22.93 2.75
CA TYR C 94 -22.30 -22.39 3.35
C TYR C 94 -21.24 -22.13 2.28
N TYR C 95 -20.59 -20.97 2.37
CA TYR C 95 -19.64 -20.49 1.38
C TYR C 95 -18.29 -20.22 2.03
N CYS C 96 -17.23 -20.70 1.40
CA CYS C 96 -15.85 -20.40 1.76
C CYS C 96 -15.33 -19.30 0.84
N GLY C 97 -14.72 -18.26 1.42
CA GLY C 97 -14.14 -17.20 0.64
C GLY C 97 -12.72 -16.90 1.08
N ALA C 98 -11.96 -16.27 0.18
CA ALA C 98 -10.58 -15.89 0.44
C ALA C 98 -10.33 -14.46 0.02
N ALA C 99 -9.75 -13.66 0.92
CA ALA C 99 -9.29 -12.33 0.62
C ALA C 99 -7.76 -12.37 0.61
N TYR C 100 -7.14 -11.90 -0.48
CA TYR C 100 -5.73 -12.21 -0.68
C TYR C 100 -4.82 -11.28 0.13
N VAL C 101 -5.31 -10.13 0.58
CA VAL C 101 -4.58 -9.28 1.52
C VAL C 101 -5.60 -8.67 2.45
N SER C 102 -5.12 -8.14 3.58
CA SER C 102 -6.01 -7.51 4.54
C SER C 102 -6.72 -6.33 3.91
N LYS C 103 -8.05 -6.27 4.04
CA LYS C 103 -8.82 -5.12 3.60
C LYS C 103 -9.25 -4.25 4.78
N ALA C 104 -8.45 -4.23 5.85
CA ALA C 104 -8.79 -3.44 7.02
C ALA C 104 -8.88 -1.97 6.72
N ASN C 105 -8.29 -1.52 5.62
CA ASN C 105 -8.48 -0.13 5.23
C ASN C 105 -9.94 0.21 5.00
N TYR C 106 -10.81 -0.80 4.83
CA TYR C 106 -12.24 -0.56 4.73
C TYR C 106 -12.91 -0.54 6.10
N GLY C 107 -12.20 -0.83 7.16
CA GLY C 107 -12.78 -0.86 8.49
C GLY C 107 -12.27 -2.06 9.24
N SER C 108 -12.34 -1.97 10.58
N SER C 108 -12.32 -1.98 10.58
CA SER C 108 -11.80 -3.02 11.43
CA SER C 108 -11.77 -3.06 11.38
C SER C 108 -12.60 -4.32 11.30
C SER C 108 -12.60 -4.33 11.30
N LEU C 109 -13.87 -4.22 10.91
CA LEU C 109 -14.76 -5.38 10.73
C LEU C 109 -14.89 -5.79 9.27
N TRP C 110 -13.87 -5.48 8.47
CA TRP C 110 -13.89 -5.71 7.04
C TRP C 110 -14.15 -7.17 6.70
N TYR C 111 -13.59 -8.07 7.49
CA TYR C 111 -13.62 -9.49 7.20
C TYR C 111 -15.01 -10.09 7.38
N GLN C 112 -15.96 -9.35 7.96
CA GLN C 112 -17.36 -9.74 8.03
C GLN C 112 -18.17 -9.37 6.80
N ASP C 113 -17.57 -8.65 5.85
CA ASP C 113 -18.23 -8.13 4.66
C ASP C 113 -17.83 -8.99 3.45
N SER C 114 -18.79 -9.75 2.90
CA SER C 114 -18.51 -10.63 1.75
CA SER C 114 -18.47 -10.63 1.78
C SER C 114 -17.85 -9.88 0.60
N ARG C 115 -18.19 -8.61 0.42
CA ARG C 115 -17.62 -7.84 -0.68
C ARG C 115 -16.11 -7.67 -0.58
N ARG C 116 -15.52 -7.88 0.59
CA ARG C 116 -14.08 -7.68 0.72
C ARG C 116 -13.28 -8.91 0.30
N TYR C 117 -13.95 -10.01 -0.03
CA TYR C 117 -13.26 -11.21 -0.42
C TYR C 117 -13.11 -11.25 -1.95
N ASP C 118 -12.11 -11.99 -2.39
CA ASP C 118 -11.71 -11.99 -3.79
C ASP C 118 -12.02 -13.29 -4.51
N TYR C 119 -12.10 -14.41 -3.79
CA TYR C 119 -12.34 -15.73 -4.37
C TYR C 119 -13.37 -16.46 -3.55
N TRP C 120 -14.19 -17.26 -4.23
CA TRP C 120 -15.31 -17.94 -3.58
C TRP C 120 -15.40 -19.40 -4.02
N GLY C 121 -15.77 -20.26 -3.07
CA GLY C 121 -16.19 -21.60 -3.39
C GLY C 121 -17.59 -21.60 -3.93
N GLN C 122 -18.04 -22.80 -4.34
CA GLN C 122 -19.33 -22.94 -4.99
C GLN C 122 -20.49 -23.05 -4.01
N GLY C 123 -20.22 -23.28 -2.73
CA GLY C 123 -21.29 -23.41 -1.76
C GLY C 123 -21.67 -24.85 -1.51
N THR C 124 -22.04 -25.18 -0.27
CA THR C 124 -22.52 -26.52 0.04
C THR C 124 -23.73 -26.40 0.96
N GLN C 125 -24.79 -27.13 0.62
CA GLN C 125 -26.00 -27.15 1.41
C GLN C 125 -25.81 -27.96 2.67
N VAL C 126 -26.24 -27.40 3.80
CA VAL C 126 -26.38 -28.16 5.04
C VAL C 126 -27.86 -28.12 5.42
N THR C 127 -28.43 -29.28 5.70
CA THR C 127 -29.83 -29.37 6.11
C THR C 127 -29.91 -30.10 7.44
N VAL C 128 -30.36 -29.39 8.47
CA VAL C 128 -30.52 -29.95 9.79
C VAL C 128 -31.92 -30.54 9.92
N SER C 129 -32.00 -31.86 10.08
CA SER C 129 -33.26 -32.54 10.32
C SER C 129 -33.54 -32.64 11.81
N SER C 130 -34.79 -32.34 12.19
CA SER C 130 -35.22 -32.49 13.59
C SER C 130 -36.03 -33.75 13.81
N ALA C 131 -36.05 -34.67 12.86
CA ALA C 131 -36.83 -35.89 13.02
C ALA C 131 -36.37 -36.67 14.24
N ALA C 132 -37.33 -37.29 14.95
CA ALA C 132 -37.02 -38.11 16.11
C ALA C 132 -36.03 -39.24 15.76
N GLY D 11 -16.26 33.75 26.32
CA GLY D 11 -15.90 32.92 27.46
C GLY D 11 -16.93 31.87 27.80
N ASP D 12 -16.93 30.78 27.04
CA ASP D 12 -17.96 29.75 27.17
C ASP D 12 -17.88 28.97 28.47
N ILE D 13 -16.76 29.07 29.20
CA ILE D 13 -16.58 28.51 30.54
C ILE D 13 -16.43 26.99 30.51
N SER D 14 -17.39 26.30 29.90
CA SER D 14 -17.45 24.84 29.89
C SER D 14 -17.55 24.25 28.50
N GLY D 15 -17.94 25.03 27.50
CA GLY D 15 -17.91 24.55 26.13
C GLY D 15 -16.52 24.16 25.70
N ILE D 16 -15.49 24.69 26.36
CA ILE D 16 -14.13 24.32 26.01
C ILE D 16 -13.84 22.89 26.45
N ASN D 17 -14.29 22.51 27.67
CA ASN D 17 -14.15 21.11 28.08
C ASN D 17 -14.79 20.18 27.07
N ALA D 18 -15.98 20.54 26.57
CA ALA D 18 -16.68 19.68 25.63
C ALA D 18 -15.97 19.60 24.28
N SER D 19 -15.44 20.72 23.79
CA SER D 19 -14.74 20.67 22.51
C SER D 19 -13.49 19.81 22.61
N VAL D 20 -12.81 19.85 23.76
CA VAL D 20 -11.64 19.01 23.97
C VAL D 20 -12.05 17.53 23.99
N VAL D 21 -13.16 17.22 24.68
CA VAL D 21 -13.66 15.85 24.70
C VAL D 21 -13.98 15.38 23.29
N ASN D 22 -14.64 16.24 22.50
CA ASN D 22 -14.96 15.90 21.12
C ASN D 22 -13.70 15.70 20.29
N ILE D 23 -12.72 16.60 20.45
CA ILE D 23 -11.48 16.47 19.69
C ILE D 23 -10.80 15.15 19.99
N GLN D 24 -10.78 14.75 21.27
CA GLN D 24 -10.16 13.48 21.60
C GLN D 24 -10.87 12.31 20.93
N LYS D 25 -12.19 12.41 20.75
CA LYS D 25 -12.89 11.37 20.00
C LYS D 25 -12.42 11.30 18.54
N GLU D 26 -12.21 12.46 17.92
CA GLU D 26 -11.68 12.48 16.56
C GLU D 26 -10.30 11.85 16.50
N ILE D 27 -9.48 12.07 17.53
CA ILE D 27 -8.16 11.47 17.58
C ILE D 27 -8.26 9.96 17.74
N ASP D 28 -9.16 9.49 18.62
CA ASP D 28 -9.39 8.05 18.73
C ASP D 28 -9.72 7.45 17.36
N ARG D 29 -10.59 8.11 16.60
CA ARG D 29 -10.93 7.65 15.27
C ARG D 29 -9.70 7.57 14.38
N LEU D 30 -8.90 8.64 14.36
CA LEU D 30 -7.71 8.64 13.50
C LEU D 30 -6.70 7.58 13.93
N ASN D 31 -6.61 7.28 15.22
CA ASN D 31 -5.74 6.18 15.65
C ASN D 31 -6.21 4.86 15.06
N GLU D 32 -7.52 4.62 15.09
CA GLU D 32 -8.07 3.39 14.50
C GLU D 32 -7.84 3.34 12.99
N VAL D 33 -8.13 4.44 12.29
CA VAL D 33 -7.89 4.47 10.85
C VAL D 33 -6.41 4.20 10.55
N ALA D 34 -5.49 4.82 11.31
CA ALA D 34 -4.07 4.66 11.03
C ALA D 34 -3.62 3.22 11.21
N LYS D 35 -4.07 2.57 12.29
CA LYS D 35 -3.78 1.15 12.51
C LYS D 35 -4.30 0.30 11.35
N ASN D 36 -5.51 0.59 10.89
CA ASN D 36 -6.12 -0.18 9.80
C ASN D 36 -5.38 0.02 8.48
N LEU D 37 -5.00 1.27 8.17
CA LEU D 37 -4.21 1.51 6.97
C LEU D 37 -2.87 0.76 7.03
N ASN D 38 -2.21 0.78 8.19
CA ASN D 38 -0.93 0.10 8.35
C ASN D 38 -1.08 -1.41 8.14
N GLU D 39 -2.15 -2.00 8.66
CA GLU D 39 -2.37 -3.42 8.46
C GLU D 39 -2.45 -3.76 6.97
N SER D 40 -3.25 -3.01 6.22
CA SER D 40 -3.36 -3.22 4.78
C SER D 40 -2.03 -2.98 4.08
N LEU D 41 -1.32 -1.93 4.47
CA LEU D 41 -0.02 -1.65 3.86
C LEU D 41 0.94 -2.79 4.13
N ILE D 42 0.91 -3.36 5.33
CA ILE D 42 1.85 -4.42 5.67
C ILE D 42 1.63 -5.65 4.79
N ASP D 43 0.37 -5.99 4.48
CA ASP D 43 0.15 -7.16 3.63
C ASP D 43 0.66 -6.92 2.20
N LEU D 44 0.50 -5.70 1.67
CA LEU D 44 1.06 -5.41 0.36
C LEU D 44 2.58 -5.53 0.37
N GLN D 45 3.22 -5.13 1.47
CA GLN D 45 4.67 -5.31 1.58
C GLN D 45 5.05 -6.79 1.60
N GLU D 46 4.31 -7.59 2.35
CA GLU D 46 4.64 -9.01 2.42
C GLU D 46 4.40 -9.69 1.09
N LEU D 47 3.31 -9.35 0.42
CA LEU D 47 3.06 -9.93 -0.88
C LEU D 47 4.05 -9.44 -1.92
N GLY D 48 4.50 -8.18 -1.79
CA GLY D 48 5.42 -7.61 -2.75
C GLY D 48 6.78 -8.27 -2.79
N LYS D 49 7.16 -8.99 -1.74
CA LYS D 49 8.45 -9.68 -1.79
C LYS D 49 8.49 -10.79 -2.82
N TYR D 50 7.34 -11.32 -3.22
CA TYR D 50 7.33 -12.43 -4.16
C TYR D 50 6.94 -12.01 -5.58
N GLU D 51 6.76 -10.72 -5.82
CA GLU D 51 6.31 -10.25 -7.13
C GLU D 51 7.51 -10.13 -8.07
N GLN D 52 7.26 -10.28 -9.37
CA GLN D 52 8.33 -10.12 -10.35
C GLN D 52 8.41 -8.66 -10.74
N TYR D 53 9.51 -8.02 -10.39
CA TYR D 53 9.71 -6.63 -10.75
C TYR D 53 10.81 -6.61 -11.80
N ILE D 54 10.51 -6.04 -12.96
CA ILE D 54 11.50 -5.97 -14.03
C ILE D 54 11.51 -4.57 -14.57
N LYS D 55 12.67 -3.92 -14.49
CA LYS D 55 12.80 -2.59 -15.06
C LYS D 55 13.69 -2.65 -16.29
N LEU E 10 -8.46 28.86 37.79
CA LEU E 10 -7.27 28.43 38.53
C LEU E 10 -6.97 26.99 38.12
N GLY E 11 -7.59 26.05 38.83
CA GLY E 11 -7.45 24.65 38.45
C GLY E 11 -8.20 24.29 37.20
N ASP E 12 -9.25 25.05 36.88
CA ASP E 12 -9.99 24.84 35.64
C ASP E 12 -9.11 25.09 34.42
N ILE E 13 -8.55 26.30 34.34
CA ILE E 13 -7.69 26.64 33.21
C ILE E 13 -6.51 25.69 33.13
N SER E 14 -5.87 25.42 34.27
CA SER E 14 -4.73 24.52 34.23
C SER E 14 -5.12 23.13 33.76
N GLY E 15 -6.38 22.72 34.00
CA GLY E 15 -6.84 21.48 33.44
C GLY E 15 -7.04 21.54 31.94
N ILE E 16 -7.49 22.68 31.42
CA ILE E 16 -7.74 22.77 29.99
C ILE E 16 -6.42 22.88 29.23
N ASN E 17 -5.48 23.70 29.70
CA ASN E 17 -4.17 23.77 29.05
C ASN E 17 -3.51 22.40 28.98
N ALA E 18 -3.60 21.62 30.04
CA ALA E 18 -2.97 20.30 30.03
C ALA E 18 -3.63 19.38 29.00
N SER E 19 -4.96 19.48 28.83
CA SER E 19 -5.61 18.69 27.79
C SER E 19 -5.19 19.13 26.41
N VAL E 20 -5.02 20.44 26.21
CA VAL E 20 -4.61 20.95 24.91
C VAL E 20 -3.19 20.51 24.58
N VAL E 21 -2.28 20.60 25.56
CA VAL E 21 -0.90 20.17 25.36
C VAL E 21 -0.86 18.69 24.99
N ASN E 22 -1.63 17.88 25.71
CA ASN E 22 -1.69 16.46 25.42
C ASN E 22 -2.24 16.19 24.02
N ILE E 23 -3.31 16.90 23.63
CA ILE E 23 -3.92 16.71 22.32
C ILE E 23 -2.93 17.05 21.21
N GLN E 24 -2.18 18.13 21.39
CA GLN E 24 -1.21 18.51 20.37
C GLN E 24 -0.09 17.49 20.26
N LYS E 25 0.32 16.87 21.37
CA LYS E 25 1.30 15.78 21.29
C LYS E 25 0.73 14.59 20.52
N GLU E 26 -0.55 14.26 20.73
CA GLU E 26 -1.17 13.20 19.95
C GLU E 26 -1.23 13.55 18.47
N ILE E 27 -1.48 14.82 18.15
CA ILE E 27 -1.49 15.23 16.75
C ILE E 27 -0.10 15.11 16.14
N ASP E 28 0.92 15.58 16.85
CA ASP E 28 2.30 15.47 16.35
C ASP E 28 2.62 14.03 15.97
N ARG E 29 2.29 13.07 16.85
CA ARG E 29 2.55 11.67 16.56
C ARG E 29 1.78 11.20 15.33
N LEU E 30 0.53 11.61 15.19
CA LEU E 30 -0.25 11.19 14.04
C LEU E 30 0.27 11.80 12.76
N ASN E 31 0.81 13.02 12.82
CA ASN E 31 1.47 13.59 11.66
C ASN E 31 2.65 12.72 11.25
N GLU E 32 3.45 12.28 12.22
CA GLU E 32 4.57 11.42 11.90
C GLU E 32 4.09 10.09 11.33
N VAL E 33 3.02 9.52 11.92
CA VAL E 33 2.44 8.29 11.39
C VAL E 33 1.98 8.49 9.95
N ALA E 34 1.28 9.60 9.69
CA ALA E 34 0.79 9.86 8.33
C ALA E 34 1.94 9.96 7.35
N LYS E 35 2.99 10.69 7.73
CA LYS E 35 4.17 10.83 6.86
C LYS E 35 4.83 9.49 6.60
N ASN E 36 4.99 8.67 7.65
CA ASN E 36 5.64 7.36 7.50
C ASN E 36 4.81 6.38 6.67
N LEU E 37 3.48 6.39 6.83
CA LEU E 37 2.66 5.54 5.98
C LEU E 37 2.82 5.93 4.53
N ASN E 38 2.83 7.24 4.25
CA ASN E 38 2.95 7.70 2.87
C ASN E 38 4.33 7.37 2.29
N GLU E 39 5.40 7.45 3.09
CA GLU E 39 6.71 7.05 2.58
CA GLU E 39 6.71 7.06 2.57
C GLU E 39 6.71 5.59 2.14
N SER E 40 6.09 4.71 2.93
CA SER E 40 6.05 3.31 2.53
C SER E 40 5.14 3.09 1.33
N LEU E 41 3.99 3.75 1.29
CA LEU E 41 3.08 3.61 0.16
C LEU E 41 3.76 4.05 -1.13
N ILE E 42 4.54 5.12 -1.06
CA ILE E 42 5.17 5.65 -2.26
C ILE E 42 6.18 4.66 -2.84
N ASP E 43 6.94 3.96 -1.98
CA ASP E 43 7.88 2.97 -2.51
C ASP E 43 7.13 1.83 -3.21
N LEU E 44 5.98 1.43 -2.69
CA LEU E 44 5.20 0.39 -3.38
C LEU E 44 4.68 0.90 -4.73
N GLN E 45 4.27 2.16 -4.79
CA GLN E 45 3.84 2.72 -6.06
C GLN E 45 4.99 2.76 -7.07
N GLU E 46 6.20 3.11 -6.62
CA GLU E 46 7.31 3.20 -7.57
C GLU E 46 7.66 1.84 -8.12
N LEU E 47 7.66 0.81 -7.28
CA LEU E 47 8.00 -0.54 -7.75
C LEU E 47 6.89 -1.17 -8.57
N GLY E 48 5.63 -0.87 -8.24
CA GLY E 48 4.52 -1.54 -8.89
C GLY E 48 4.42 -1.26 -10.37
N LYS E 49 5.01 -0.18 -10.86
CA LYS E 49 4.97 0.01 -12.30
C LYS E 49 5.91 -0.96 -13.02
N TYR E 50 6.83 -1.62 -12.31
CA TYR E 50 7.75 -2.58 -12.92
C TYR E 50 7.30 -4.02 -12.73
N GLU E 51 6.13 -4.21 -12.16
CA GLU E 51 5.63 -5.54 -11.90
C GLU E 51 5.04 -6.13 -13.18
N GLN E 52 5.19 -7.43 -13.34
CA GLN E 52 4.65 -8.15 -14.48
C GLN E 52 3.26 -8.67 -14.13
N TYR E 53 2.26 -8.33 -14.94
CA TYR E 53 0.87 -8.73 -14.67
C TYR E 53 0.24 -9.80 -15.57
N ILE F 13 -7.57 32.47 27.95
CA ILE F 13 -8.87 32.02 27.43
C ILE F 13 -8.89 32.10 25.92
N SER F 14 -8.49 33.25 25.38
CA SER F 14 -8.57 33.39 23.94
C SER F 14 -7.38 32.72 23.26
N GLY F 15 -6.27 32.53 23.99
CA GLY F 15 -5.20 31.69 23.48
C GLY F 15 -5.60 30.22 23.42
N ILE F 16 -6.47 29.79 24.34
CA ILE F 16 -6.95 28.41 24.34
C ILE F 16 -7.98 28.18 23.25
N ASN F 17 -8.92 29.12 23.09
CA ASN F 17 -9.89 29.02 22.00
C ASN F 17 -9.18 28.95 20.65
N ALA F 18 -8.14 29.77 20.46
CA ALA F 18 -7.42 29.74 19.20
C ALA F 18 -6.71 28.42 19.02
N SER F 19 -6.18 27.87 20.10
CA SER F 19 -5.52 26.56 20.01
C SER F 19 -6.51 25.49 19.62
N VAL F 20 -7.74 25.58 20.12
CA VAL F 20 -8.75 24.59 19.77
C VAL F 20 -9.09 24.67 18.28
N VAL F 21 -9.30 25.89 17.77
CA VAL F 21 -9.59 26.05 16.34
C VAL F 21 -8.45 25.50 15.49
N ASN F 22 -7.21 25.82 15.87
CA ASN F 22 -6.04 25.36 15.13
C ASN F 22 -5.95 23.85 15.15
N ILE F 23 -6.19 23.24 16.31
CA ILE F 23 -6.13 21.80 16.44
C ILE F 23 -7.16 21.14 15.53
N GLN F 24 -8.37 21.70 15.48
CA GLN F 24 -9.41 21.15 14.60
C GLN F 24 -8.99 21.26 13.13
N LYS F 25 -8.26 22.34 12.78
CA LYS F 25 -7.73 22.44 11.44
C LYS F 25 -6.73 21.33 11.16
N GLU F 26 -5.86 21.03 12.15
CA GLU F 26 -4.90 19.94 12.00
C GLU F 26 -5.62 18.60 11.88
N ILE F 27 -6.70 18.44 12.61
CA ILE F 27 -7.46 17.19 12.51
C ILE F 27 -8.09 17.05 11.14
N ASP F 28 -8.68 18.13 10.63
CA ASP F 28 -9.25 18.11 9.29
C ASP F 28 -8.20 17.71 8.26
N ARG F 29 -7.00 18.29 8.37
N ARG F 29 -6.99 18.25 8.38
CA ARG F 29 -5.90 17.93 7.48
CA ARG F 29 -5.94 17.91 7.43
C ARG F 29 -5.62 16.44 7.52
C ARG F 29 -5.62 16.41 7.51
N LEU F 30 -5.56 15.85 8.72
CA LEU F 30 -5.24 14.43 8.85
C LEU F 30 -6.36 13.54 8.33
N ASN F 31 -7.62 13.96 8.48
CA ASN F 31 -8.72 13.20 7.90
C ASN F 31 -8.61 13.14 6.37
N GLU F 32 -8.27 14.26 5.73
CA GLU F 32 -8.07 14.26 4.29
C GLU F 32 -6.90 13.37 3.87
N VAL F 33 -5.81 13.40 4.64
CA VAL F 33 -4.68 12.53 4.30
C VAL F 33 -5.12 11.07 4.35
N ALA F 34 -5.87 10.70 5.39
CA ALA F 34 -6.28 9.30 5.54
C ALA F 34 -7.15 8.89 4.36
N LYS F 35 -8.08 9.76 3.94
CA LYS F 35 -8.93 9.44 2.81
C LYS F 35 -8.10 9.25 1.56
N ASN F 36 -7.10 10.12 1.35
CA ASN F 36 -6.25 10.04 0.16
C ASN F 36 -5.37 8.80 0.18
N LEU F 37 -4.79 8.48 1.35
CA LEU F 37 -4.00 7.25 1.43
C LEU F 37 -4.85 6.04 1.10
N ASN F 38 -6.09 6.01 1.62
CA ASN F 38 -6.97 4.88 1.36
C ASN F 38 -7.27 4.75 -0.13
N GLU F 39 -7.59 5.88 -0.78
CA GLU F 39 -7.89 5.83 -2.20
C GLU F 39 -6.72 5.25 -2.99
N SER F 40 -5.51 5.72 -2.70
CA SER F 40 -4.34 5.19 -3.40
C SER F 40 -4.11 3.73 -3.03
N LEU F 41 -4.33 3.40 -1.77
CA LEU F 41 -4.17 2.02 -1.34
C LEU F 41 -5.16 1.09 -2.05
N ILE F 42 -6.40 1.53 -2.26
CA ILE F 42 -7.40 0.67 -2.90
C ILE F 42 -6.96 0.32 -4.32
N ASP F 43 -6.34 1.25 -5.04
CA ASP F 43 -5.91 0.92 -6.39
C ASP F 43 -4.82 -0.14 -6.40
N LEU F 44 -3.89 -0.10 -5.44
CA LEU F 44 -2.89 -1.15 -5.37
C LEU F 44 -3.53 -2.49 -5.04
N GLN F 45 -4.54 -2.50 -4.16
CA GLN F 45 -5.23 -3.73 -3.85
C GLN F 45 -5.91 -4.31 -5.10
N GLU F 46 -6.57 -3.45 -5.88
CA GLU F 46 -7.26 -3.91 -7.09
C GLU F 46 -6.30 -4.49 -8.10
N LEU F 47 -5.14 -3.86 -8.26
CA LEU F 47 -4.14 -4.27 -9.22
C LEU F 47 -3.47 -5.55 -8.79
N GLY F 48 -3.34 -5.75 -7.48
CA GLY F 48 -2.64 -6.90 -6.95
C GLY F 48 -3.29 -8.22 -7.31
N LYS F 49 -4.54 -8.20 -7.76
CA LYS F 49 -5.21 -9.44 -8.17
C LYS F 49 -4.63 -10.01 -9.46
N TYR F 50 -4.01 -9.17 -10.27
CA TYR F 50 -3.48 -9.56 -11.58
C TYR F 50 -1.97 -9.82 -11.57
N GLU F 51 -1.36 -9.94 -10.39
CA GLU F 51 0.09 -10.00 -10.21
C GLU F 51 0.73 -11.37 -10.44
N GLN F 52 1.92 -11.34 -11.04
CA GLN F 52 2.79 -12.51 -11.25
C GLN F 52 3.84 -12.59 -10.16
N TYR F 53 4.04 -13.78 -9.60
CA TYR F 53 5.02 -13.99 -8.54
C TYR F 53 6.26 -14.82 -8.89
#